data_5T65
#
_entry.id   5T65
#
_cell.length_a   132.610
_cell.length_b   132.610
_cell.length_c   77.090
_cell.angle_alpha   90.00
_cell.angle_beta   90.00
_cell.angle_gamma   120.00
#
_symmetry.space_group_name_H-M   'P 61'
#
loop_
_entity.id
_entity.type
_entity.pdbx_description
1 polymer 'Methyl-accepting chemotaxis protein PctA'
2 non-polymer ISOLEUCINE
3 non-polymer 'SULFATE ION'
4 non-polymer 'ACETATE ION'
5 water water
#
_entity_poly.entity_id   1
_entity_poly.type   'polypeptide(L)'
_entity_poly.pdbx_seq_one_letter_code
;MGSSHHHHHHSSGLVPRGSHMNDYLQRNAIREDLESYLREMGDVTSSNIQNWLGGRLLLVEQTAQTLARDHSPETVSALL
EQPALTSTFSFTYLGQQDGVFTMRPDSPMPAGYDPRSRPWYKDAVAAGGLTLTEPYVDAATQELIITAATPVKAAGNTLG
VVGGDLSLKTLVQIINSLDFSGMGYAFLVSGDGKILVHPDKEQVMKTLSEVYPQNTPKIATGFSEAELHGHTRILAFTPI
KGLPSVTWYLALSIDKDKAYAMLSKFRVSA
;
_entity_poly.pdbx_strand_id   A,B
#
# COMPACT_ATOMS: atom_id res chain seq x y z
N ASN A 22 28.82 -15.89 -29.44
CA ASN A 22 29.44 -16.91 -28.66
C ASN A 22 29.08 -16.79 -27.23
N ASP A 23 29.94 -17.32 -26.40
CA ASP A 23 29.73 -17.31 -24.96
C ASP A 23 29.44 -15.91 -24.43
N TYR A 24 30.28 -14.94 -24.77
CA TYR A 24 30.16 -13.60 -24.18
C TYR A 24 28.83 -12.93 -24.49
N LEU A 25 28.39 -12.98 -25.74
CA LEU A 25 27.07 -12.46 -26.08
C LEU A 25 25.93 -13.25 -25.41
N GLN A 26 26.05 -14.57 -25.34
N GLN A 26 26.04 -14.58 -25.47
CA GLN A 26 25.03 -15.34 -24.62
CA GLN A 26 25.03 -15.47 -24.91
C GLN A 26 25.10 -15.06 -23.11
C GLN A 26 24.91 -15.18 -23.41
N ARG A 27 26.31 -14.87 -22.59
N ARG A 27 26.04 -14.93 -22.76
CA ARG A 27 26.45 -14.45 -21.20
CA ARG A 27 26.02 -14.62 -21.33
C ARG A 27 25.65 -13.16 -20.96
C ARG A 27 25.42 -13.24 -21.08
N ASN A 28 25.74 -12.24 -21.92
CA ASN A 28 25.12 -10.93 -21.77
C ASN A 28 23.62 -11.02 -21.92
N ALA A 29 23.18 -11.89 -22.82
CA ALA A 29 21.76 -12.11 -23.04
C ALA A 29 21.12 -12.65 -21.78
N ILE A 30 21.79 -13.62 -21.14
CA ILE A 30 21.26 -14.20 -19.91
C ILE A 30 21.24 -13.16 -18.77
N ARG A 31 22.32 -12.40 -18.65
N ARG A 31 22.31 -12.39 -18.66
CA ARG A 31 22.41 -11.35 -17.63
CA ARG A 31 22.39 -11.36 -17.62
C ARG A 31 21.31 -10.30 -17.78
C ARG A 31 21.32 -10.28 -17.77
N GLU A 32 21.09 -9.81 -19.00
CA GLU A 32 20.08 -8.79 -19.23
C GLU A 32 18.67 -9.33 -18.94
N ASP A 33 18.43 -10.61 -19.26
CA ASP A 33 17.15 -11.25 -18.91
C ASP A 33 16.91 -11.26 -17.41
N LEU A 34 17.94 -11.61 -16.68
CA LEU A 34 17.86 -11.67 -15.22
C LEU A 34 17.65 -10.28 -14.68
N GLU A 35 18.36 -9.31 -15.23
CA GLU A 35 18.25 -7.94 -14.72
C GLU A 35 16.85 -7.39 -15.00
N SER A 36 16.28 -7.80 -16.13
CA SER A 36 14.91 -7.42 -16.44
C SER A 36 13.93 -7.98 -15.41
N TYR A 37 14.11 -9.25 -15.05
CA TYR A 37 13.25 -9.87 -14.05
C TYR A 37 13.39 -9.18 -12.69
N LEU A 38 14.63 -8.96 -12.27
CA LEU A 38 14.92 -8.29 -10.98
C LEU A 38 14.41 -6.86 -10.94
N ARG A 39 14.43 -6.21 -12.10
CA ARG A 39 13.95 -4.84 -12.22
CA ARG A 39 13.94 -4.84 -12.22
C ARG A 39 12.43 -4.80 -11.98
N GLU A 40 11.72 -5.74 -12.59
N GLU A 40 11.70 -5.74 -12.57
CA GLU A 40 10.29 -5.88 -12.39
CA GLU A 40 10.26 -5.79 -12.37
C GLU A 40 10.00 -6.06 -10.90
C GLU A 40 9.94 -6.12 -10.91
N MET A 41 10.70 -7.03 -10.31
CA MET A 41 10.52 -7.39 -8.92
C MET A 41 10.80 -6.20 -8.01
N GLY A 42 11.92 -5.53 -8.27
CA GLY A 42 12.29 -4.35 -7.52
C GLY A 42 11.21 -3.28 -7.61
N ASP A 43 10.61 -3.12 -8.79
CA ASP A 43 9.61 -2.06 -9.01
C ASP A 43 8.35 -2.29 -8.16
N VAL A 44 7.76 -3.48 -8.28
CA VAL A 44 6.50 -3.75 -7.61
C VAL A 44 6.73 -3.93 -6.09
N THR A 45 7.92 -4.40 -5.69
CA THR A 45 8.24 -4.48 -4.27
C THR A 45 8.40 -3.09 -3.67
N SER A 46 9.08 -2.20 -4.40
CA SER A 46 9.18 -0.81 -3.98
C SER A 46 7.80 -0.13 -3.86
N SER A 47 6.94 -0.35 -4.83
CA SER A 47 5.56 0.18 -4.78
C SER A 47 4.81 -0.33 -3.55
N ASN A 48 4.95 -1.63 -3.30
CA ASN A 48 4.29 -2.30 -2.17
C ASN A 48 4.67 -1.58 -0.88
N ILE A 49 5.95 -1.35 -0.66
CA ILE A 49 6.39 -0.75 0.59
C ILE A 49 6.00 0.74 0.62
N GLN A 50 6.07 1.42 -0.52
CA GLN A 50 5.58 2.78 -0.64
C GLN A 50 4.12 2.87 -0.19
N ASN A 51 3.30 1.96 -0.71
CA ASN A 51 1.88 1.99 -0.41
C ASN A 51 1.59 1.57 1.03
N TRP A 52 2.35 0.62 1.56
CA TRP A 52 2.17 0.23 2.96
C TRP A 52 2.51 1.39 3.91
N LEU A 53 3.68 1.98 3.71
CA LEU A 53 4.11 3.15 4.48
C LEU A 53 3.12 4.30 4.31
N GLY A 54 2.58 4.44 3.11
CA GLY A 54 1.69 5.56 2.82
C GLY A 54 0.42 5.51 3.66
N GLY A 55 -0.14 4.32 3.90
CA GLY A 55 -1.35 4.23 4.71
C GLY A 55 -1.09 4.72 6.13
N ARG A 56 0.10 4.42 6.62
CA ARG A 56 0.50 4.88 7.93
C ARG A 56 0.77 6.38 7.99
N LEU A 57 1.37 6.91 6.92
CA LEU A 57 1.61 8.35 6.84
C LEU A 57 0.28 9.08 6.85
N LEU A 58 -0.70 8.53 6.14
CA LEU A 58 -2.03 9.12 6.10
C LEU A 58 -2.72 9.18 7.47
N LEU A 59 -2.60 8.12 8.28
CA LEU A 59 -3.20 8.10 9.64
C LEU A 59 -2.61 9.20 10.50
N VAL A 60 -1.28 9.31 10.46
CA VAL A 60 -0.57 10.33 11.21
C VAL A 60 -0.98 11.74 10.76
N GLU A 61 -1.08 11.94 9.46
CA GLU A 61 -1.50 13.22 8.88
C GLU A 61 -2.92 13.57 9.32
N GLN A 62 -3.83 12.62 9.16
CA GLN A 62 -5.21 12.81 9.58
C GLN A 62 -5.30 13.10 11.07
N THR A 63 -4.54 12.37 11.86
CA THR A 63 -4.53 12.58 13.32
C THR A 63 -4.04 13.99 13.69
N ALA A 64 -2.97 14.45 13.04
CA ALA A 64 -2.44 15.79 13.31
C ALA A 64 -3.40 16.90 12.90
N GLN A 65 -4.09 16.70 11.77
CA GLN A 65 -5.02 17.70 11.28
C GLN A 65 -6.26 17.78 12.18
N THR A 66 -6.71 16.65 12.71
CA THR A 66 -7.78 16.67 13.71
C THR A 66 -7.35 17.43 14.95
N LEU A 67 -6.16 17.14 15.44
CA LEU A 67 -5.59 17.81 16.62
C LEU A 67 -5.36 19.30 16.42
N ALA A 68 -5.06 19.72 15.20
CA ALA A 68 -4.89 21.14 14.92
C ALA A 68 -6.16 21.96 15.24
N ARG A 69 -7.32 21.34 15.04
N ARG A 69 -7.35 21.38 15.02
CA ARG A 69 -8.62 21.95 15.30
CA ARG A 69 -8.59 22.08 15.38
C ARG A 69 -9.09 21.80 16.76
C ARG A 69 -8.97 21.87 16.85
N ASP A 70 -8.79 20.66 17.36
CA ASP A 70 -9.18 20.37 18.76
C ASP A 70 -8.10 19.55 19.45
N HIS A 71 -7.37 20.19 20.36
CA HIS A 71 -6.30 19.50 21.10
C HIS A 71 -6.53 19.58 22.62
N SER A 72 -7.78 19.72 23.05
CA SER A 72 -8.09 19.60 24.48
C SER A 72 -7.59 18.23 25.01
N PRO A 73 -7.24 18.15 26.29
CA PRO A 73 -6.74 16.87 26.82
C PRO A 73 -7.71 15.71 26.59
N GLU A 74 -9.00 15.97 26.63
CA GLU A 74 -10.02 14.92 26.47
C GLU A 74 -10.05 14.40 25.04
N THR A 75 -9.95 15.30 24.07
CA THR A 75 -9.89 14.92 22.68
C THR A 75 -8.57 14.18 22.34
N VAL A 76 -7.45 14.67 22.86
CA VAL A 76 -6.16 14.01 22.59
C VAL A 76 -6.22 12.54 23.05
N SER A 77 -6.75 12.36 24.26
CA SER A 77 -6.85 11.05 24.85
C SER A 77 -7.77 10.14 24.04
N ALA A 78 -8.96 10.62 23.69
CA ALA A 78 -9.89 9.79 22.92
C ALA A 78 -9.37 9.52 21.51
N LEU A 79 -8.75 10.52 20.88
CA LEU A 79 -8.20 10.36 19.55
C LEU A 79 -7.12 9.27 19.50
N LEU A 80 -6.14 9.36 20.40
CA LEU A 80 -5.00 8.42 20.38
C LEU A 80 -5.43 7.00 20.74
N GLU A 81 -6.62 6.88 21.33
CA GLU A 81 -7.15 5.58 21.71
C GLU A 81 -7.97 4.91 20.62
N GLN A 82 -8.20 5.60 19.50
CA GLN A 82 -8.97 4.97 18.43
C GLN A 82 -8.23 3.74 17.89
N PRO A 83 -8.96 2.61 17.73
CA PRO A 83 -8.34 1.34 17.34
C PRO A 83 -7.60 1.39 15.99
N ALA A 84 -7.98 2.30 15.08
CA ALA A 84 -7.30 2.37 13.81
C ALA A 84 -5.85 2.82 14.02
N LEU A 85 -5.61 3.59 15.08
CA LEU A 85 -4.25 3.95 15.46
C LEU A 85 -3.57 2.85 16.29
N THR A 86 -4.24 2.36 17.34
CA THR A 86 -3.57 1.53 18.32
C THR A 86 -3.34 0.14 17.75
N SER A 87 -4.17 -0.27 16.80
CA SER A 87 -3.92 -1.54 16.15
C SER A 87 -2.90 -1.41 15.01
N THR A 88 -2.53 -0.18 14.66
CA THR A 88 -1.58 0.03 13.55
C THR A 88 -0.16 0.35 14.00
N PHE A 89 -0.04 1.20 15.01
CA PHE A 89 1.23 1.56 15.58
C PHE A 89 1.43 0.91 16.94
N SER A 90 2.68 0.65 17.29
CA SER A 90 3.02 0.17 18.65
C SER A 90 2.54 1.19 19.66
N PHE A 91 2.88 2.45 19.37
CA PHE A 91 2.46 3.60 20.16
C PHE A 91 2.18 4.73 19.20
N THR A 92 1.16 5.49 19.54
CA THR A 92 0.81 6.73 18.88
C THR A 92 0.80 7.83 19.95
N TYR A 93 1.27 9.02 19.61
CA TYR A 93 1.47 10.02 20.63
C TYR A 93 1.53 11.44 20.09
N LEU A 94 1.33 12.36 21.01
CA LEU A 94 1.47 13.79 20.75
C LEU A 94 2.53 14.32 21.68
N GLY A 95 3.54 14.97 21.13
CA GLY A 95 4.48 15.73 21.92
C GLY A 95 4.18 17.19 21.69
N GLN A 96 3.99 17.95 22.75
CA GLN A 96 3.62 19.33 22.59
C GLN A 96 4.81 20.25 22.63
N GLN A 97 4.60 21.46 22.10
CA GLN A 97 5.62 22.50 22.03
C GLN A 97 6.13 22.84 23.44
N ASP A 98 5.29 22.66 24.45
CA ASP A 98 5.71 22.95 25.83
C ASP A 98 6.30 21.72 26.54
N GLY A 99 6.58 20.66 25.78
CA GLY A 99 7.21 19.47 26.33
C GLY A 99 6.28 18.38 26.82
N VAL A 100 5.01 18.72 27.03
CA VAL A 100 4.01 17.75 27.50
C VAL A 100 3.86 16.61 26.49
N PHE A 101 3.71 15.40 27.01
N PHE A 101 3.82 15.38 26.97
CA PHE A 101 3.66 14.20 26.19
CA PHE A 101 3.63 14.24 26.07
C PHE A 101 2.44 13.36 26.55
C PHE A 101 2.46 13.37 26.52
N THR A 102 1.75 12.84 25.53
CA THR A 102 0.60 11.98 25.75
C THR A 102 0.70 10.80 24.79
N MET A 103 0.54 9.58 25.28
CA MET A 103 0.77 8.41 24.43
C MET A 103 -0.24 7.29 24.67
N ARG A 104 -0.61 6.57 23.61
CA ARG A 104 -1.42 5.34 23.74
C ARG A 104 -0.81 4.18 22.93
N PRO A 105 -0.79 2.97 23.51
CA PRO A 105 -1.21 2.72 24.89
C PRO A 105 -0.13 3.18 25.88
N ASP A 106 -0.29 2.90 27.16
CA ASP A 106 0.71 3.31 28.12
C ASP A 106 1.96 2.50 28.12
N SER A 107 3.01 3.10 28.62
CA SER A 107 4.27 2.43 28.79
C SER A 107 4.98 3.03 29.99
N PRO A 108 5.78 2.21 30.68
CA PRO A 108 6.82 2.77 31.55
C PRO A 108 7.67 3.76 30.75
N MET A 109 8.10 4.85 31.36
CA MET A 109 8.86 5.86 30.66
C MET A 109 10.10 6.20 31.44
N PRO A 110 11.24 6.42 30.74
CA PRO A 110 12.49 6.79 31.42
C PRO A 110 12.42 8.18 32.04
N ALA A 111 13.13 8.41 33.13
CA ALA A 111 13.25 9.75 33.69
C ALA A 111 13.86 10.71 32.67
N GLY A 112 13.51 11.99 32.75
CA GLY A 112 14.15 13.00 31.92
C GLY A 112 13.57 13.13 30.52
N TYR A 113 12.61 12.28 30.18
CA TYR A 113 12.10 12.25 28.79
C TYR A 113 11.52 13.61 28.30
N ASP A 114 11.96 14.03 27.12
CA ASP A 114 11.45 15.25 26.48
C ASP A 114 11.18 14.94 25.02
N PRO A 115 9.90 14.96 24.60
CA PRO A 115 9.59 14.62 23.21
C PRO A 115 10.28 15.56 22.22
N ARG A 116 10.52 16.81 22.63
CA ARG A 116 11.11 17.82 21.74
C ARG A 116 12.56 17.48 21.39
N SER A 117 13.20 16.64 22.18
CA SER A 117 14.60 16.27 21.91
C SER A 117 14.73 15.04 20.98
N ARG A 118 13.62 14.43 20.62
CA ARG A 118 13.63 13.13 19.96
C ARG A 118 13.75 13.30 18.44
N PRO A 119 14.29 12.27 17.76
CA PRO A 119 14.42 12.28 16.30
C PRO A 119 13.12 12.54 15.55
N TRP A 120 12.01 11.94 15.98
CA TRP A 120 10.73 12.12 15.27
C TRP A 120 10.24 13.56 15.35
N TYR A 121 10.46 14.20 16.50
CA TYR A 121 9.97 15.55 16.70
C TYR A 121 10.80 16.47 15.80
N LYS A 122 12.11 16.36 15.94
CA LYS A 122 13.02 17.19 15.16
C LYS A 122 12.87 16.98 13.66
N ASP A 123 12.79 15.73 13.21
CA ASP A 123 12.61 15.43 11.77
C ASP A 123 11.31 16.03 11.24
N ALA A 124 10.24 15.97 12.03
CA ALA A 124 8.95 16.48 11.58
C ALA A 124 8.99 18.01 11.44
N VAL A 125 9.56 18.69 12.43
CA VAL A 125 9.65 20.16 12.40
C VAL A 125 10.56 20.61 11.26
N ALA A 126 11.67 19.91 11.05
CA ALA A 126 12.61 20.25 9.96
C ALA A 126 11.95 20.07 8.61
N ALA A 127 11.10 19.05 8.46
CA ALA A 127 10.44 18.84 7.18
C ALA A 127 9.21 19.76 7.01
N GLY A 128 8.70 20.32 8.11
CA GLY A 128 7.47 21.09 8.06
C GLY A 128 6.25 20.28 7.62
N GLY A 129 6.27 18.97 7.87
CA GLY A 129 5.19 18.10 7.43
C GLY A 129 5.60 16.66 7.65
N LEU A 130 5.01 15.75 6.88
CA LEU A 130 5.21 14.31 7.10
C LEU A 130 6.68 13.93 7.01
N THR A 131 7.07 12.98 7.85
CA THR A 131 8.42 12.49 7.78
C THR A 131 8.45 11.04 8.27
N LEU A 132 9.51 10.32 7.91
CA LEU A 132 9.81 9.03 8.48
C LEU A 132 11.22 9.11 9.06
N THR A 133 11.40 8.69 10.30
CA THR A 133 12.76 8.70 10.86
C THR A 133 13.53 7.51 10.33
N GLU A 134 14.85 7.58 10.40
CA GLU A 134 15.67 6.39 10.33
C GLU A 134 15.48 5.65 11.67
N PRO A 135 15.90 4.37 11.75
CA PRO A 135 15.79 3.65 13.02
C PRO A 135 16.51 4.40 14.12
N TYR A 136 15.91 4.46 15.31
CA TYR A 136 16.56 5.03 16.49
C TYR A 136 16.12 4.21 17.70
N VAL A 137 16.87 4.32 18.79
CA VAL A 137 16.60 3.55 19.99
C VAL A 137 15.37 4.13 20.69
N ASP A 138 14.29 3.35 20.72
CA ASP A 138 13.06 3.75 21.40
C ASP A 138 13.32 4.06 22.89
N ALA A 139 12.76 5.16 23.41
CA ALA A 139 13.05 5.60 24.78
C ALA A 139 12.64 4.60 25.85
N ALA A 140 11.48 3.99 25.64
CA ALA A 140 10.92 2.99 26.54
C ALA A 140 11.38 1.53 26.25
N THR A 141 11.00 0.99 25.09
CA THR A 141 11.24 -0.43 24.80
C THR A 141 12.71 -0.67 24.55
N GLN A 142 13.47 0.39 24.30
CA GLN A 142 14.93 0.32 24.11
C GLN A 142 15.40 -0.38 22.82
N GLU A 143 14.44 -0.77 21.99
CA GLU A 143 14.74 -1.38 20.70
CA GLU A 143 14.74 -1.38 20.70
C GLU A 143 14.71 -0.35 19.58
N LEU A 144 15.28 -0.71 18.43
CA LEU A 144 15.26 0.17 17.27
C LEU A 144 13.87 0.19 16.70
N ILE A 145 13.38 1.39 16.41
CA ILE A 145 12.11 1.57 15.73
C ILE A 145 12.17 2.67 14.68
N ILE A 146 11.17 2.71 13.83
CA ILE A 146 11.04 3.79 12.88
C ILE A 146 9.75 4.53 13.23
N THR A 147 9.72 5.84 13.08
CA THR A 147 8.51 6.58 13.41
C THR A 147 8.01 7.42 12.24
N ALA A 148 6.70 7.37 12.01
CA ALA A 148 6.03 8.30 11.08
C ALA A 148 5.53 9.48 11.89
N ALA A 149 5.82 10.70 11.45
CA ALA A 149 5.51 11.87 12.25
C ALA A 149 5.18 13.08 11.39
N THR A 150 4.45 14.04 11.96
CA THR A 150 4.17 15.31 11.28
C THR A 150 3.86 16.38 12.35
N PRO A 151 4.19 17.65 12.08
CA PRO A 151 3.82 18.68 13.07
C PRO A 151 2.33 18.88 13.11
N VAL A 152 1.82 19.33 14.25
CA VAL A 152 0.45 19.79 14.35
C VAL A 152 0.48 21.31 14.15
N LYS A 153 -0.09 21.79 13.05
CA LYS A 153 -0.06 23.21 12.75
C LYS A 153 -1.45 23.80 12.64
N ALA A 154 -1.72 24.79 13.49
CA ALA A 154 -2.98 25.51 13.45
C ALA A 154 -2.70 26.97 13.11
N ALA A 155 -3.03 27.37 11.89
CA ALA A 155 -2.84 28.75 11.47
C ALA A 155 -1.39 29.21 11.67
N GLY A 156 -0.44 28.37 11.25
CA GLY A 156 0.96 28.74 11.26
C GLY A 156 1.67 28.46 12.58
N ASN A 157 0.89 28.13 13.60
CA ASN A 157 1.43 27.84 14.91
C ASN A 157 1.68 26.34 15.06
N THR A 158 2.94 25.95 15.30
CA THR A 158 3.26 24.56 15.56
C THR A 158 2.97 24.20 17.02
N LEU A 159 1.90 23.44 17.22
CA LEU A 159 1.45 23.05 18.57
C LEU A 159 2.27 21.91 19.12
N GLY A 160 2.88 21.14 18.22
CA GLY A 160 3.64 19.96 18.61
C GLY A 160 3.73 19.02 17.43
N VAL A 161 4.00 17.74 17.70
CA VAL A 161 4.21 16.74 16.66
C VAL A 161 3.51 15.45 17.04
N VAL A 162 2.83 14.85 16.08
CA VAL A 162 2.23 13.52 16.24
C VAL A 162 3.19 12.49 15.68
N GLY A 163 3.38 11.39 16.38
CA GLY A 163 4.20 10.31 15.87
C GLY A 163 3.53 8.96 16.03
N GLY A 164 3.88 8.02 15.18
CA GLY A 164 3.36 6.66 15.33
C GLY A 164 4.51 5.72 15.05
N ASP A 165 4.75 4.76 15.95
CA ASP A 165 5.91 3.87 15.89
C ASP A 165 5.64 2.57 15.13
N LEU A 166 6.62 2.20 14.32
CA LEU A 166 6.60 0.98 13.52
C LEU A 166 7.80 0.11 13.87
N SER A 167 7.56 -1.18 14.08
N SER A 167 7.56 -1.18 14.08
CA SER A 167 8.63 -2.14 14.34
CA SER A 167 8.63 -2.14 14.33
C SER A 167 9.41 -2.46 13.06
C SER A 167 9.41 -2.44 13.06
N LEU A 168 10.73 -2.48 13.17
CA LEU A 168 11.59 -2.96 12.09
C LEU A 168 11.19 -4.37 11.63
N LYS A 169 10.79 -5.21 12.58
CA LYS A 169 10.35 -6.58 12.25
C LYS A 169 9.21 -6.55 11.26
N THR A 170 8.24 -5.67 11.51
CA THR A 170 7.11 -5.54 10.64
C THR A 170 7.58 -5.18 9.23
N LEU A 171 8.45 -4.17 9.13
CA LEU A 171 8.91 -3.72 7.82
C LEU A 171 9.64 -4.80 7.01
N VAL A 172 10.49 -5.61 7.66
CA VAL A 172 11.21 -6.66 6.91
C VAL A 172 10.21 -7.69 6.33
N GLN A 173 9.17 -7.98 7.10
CA GLN A 173 8.12 -8.88 6.63
C GLN A 173 7.47 -8.35 5.34
N ILE A 174 7.18 -7.04 5.32
CA ILE A 174 6.49 -6.43 4.19
C ILE A 174 7.31 -6.53 2.88
N ILE A 175 8.60 -6.24 2.95
CA ILE A 175 9.38 -6.19 1.72
C ILE A 175 9.89 -7.57 1.39
N ASN A 176 9.72 -8.52 2.30
CA ASN A 176 10.10 -9.90 2.05
C ASN A 176 8.91 -10.85 1.98
N SER A 177 7.79 -10.31 1.51
CA SER A 177 6.53 -11.07 1.34
C SER A 177 6.73 -12.29 0.46
N LEU A 178 7.62 -12.16 -0.53
CA LEU A 178 8.01 -13.29 -1.35
C LEU A 178 9.51 -13.53 -1.21
N ASP A 179 9.97 -14.73 -1.57
CA ASP A 179 11.36 -15.11 -1.40
C ASP A 179 12.15 -15.11 -2.71
N PHE A 180 11.58 -14.50 -3.74
CA PHE A 180 12.25 -14.28 -5.03
C PHE A 180 12.77 -15.57 -5.67
N SER A 181 11.93 -16.62 -5.64
CA SER A 181 12.29 -17.95 -6.15
C SER A 181 13.45 -18.56 -5.35
N GLY A 182 13.59 -18.15 -4.09
CA GLY A 182 14.67 -18.64 -3.24
C GLY A 182 16.02 -18.02 -3.57
N MET A 183 16.01 -17.08 -4.51
CA MET A 183 17.24 -16.43 -4.97
C MET A 183 17.85 -15.47 -3.95
N GLY A 184 17.02 -14.89 -3.09
CA GLY A 184 17.49 -13.93 -2.12
C GLY A 184 16.39 -13.22 -1.33
N TYR A 185 16.67 -11.99 -0.92
CA TYR A 185 15.82 -11.26 0.01
C TYR A 185 15.86 -9.76 -0.29
N ALA A 186 15.07 -8.98 0.44
CA ALA A 186 15.03 -7.54 0.25
C ALA A 186 15.47 -6.82 1.51
N PHE A 187 16.10 -5.65 1.36
CA PHE A 187 16.31 -4.78 2.52
C PHE A 187 16.12 -3.30 2.14
N LEU A 188 16.06 -2.43 3.14
CA LEU A 188 15.92 -0.98 2.92
C LEU A 188 17.22 -0.25 3.22
N VAL A 189 17.58 0.73 2.39
CA VAL A 189 18.83 1.45 2.57
C VAL A 189 18.62 2.90 2.17
N SER A 190 19.27 3.83 2.86
CA SER A 190 19.15 5.25 2.51
C SER A 190 20.01 5.59 1.32
N GLY A 191 19.78 6.76 0.73
CA GLY A 191 20.57 7.22 -0.39
C GLY A 191 22.05 7.33 -0.05
N ASP A 192 22.36 7.50 1.24
CA ASP A 192 23.73 7.62 1.69
C ASP A 192 24.34 6.28 2.12
N GLY A 193 23.61 5.20 1.86
CA GLY A 193 24.13 3.87 2.08
C GLY A 193 23.88 3.28 3.47
N LYS A 194 23.03 3.90 4.27
CA LYS A 194 22.73 3.37 5.60
C LYS A 194 21.64 2.31 5.53
N ILE A 195 21.99 1.08 5.90
CA ILE A 195 21.00 -0.01 5.97
C ILE A 195 19.99 0.24 7.09
N LEU A 196 18.73 0.37 6.73
CA LEU A 196 17.69 0.78 7.69
C LEU A 196 16.96 -0.41 8.26
N VAL A 197 16.68 -1.37 7.38
CA VAL A 197 15.85 -2.50 7.70
C VAL A 197 16.41 -3.71 6.96
N HIS A 198 16.61 -4.82 7.66
CA HIS A 198 17.30 -5.96 7.06
C HIS A 198 16.89 -7.24 7.79
N PRO A 199 16.68 -8.34 7.05
CA PRO A 199 16.41 -9.67 7.64
C PRO A 199 17.47 -10.09 8.67
N ASP A 200 18.69 -9.59 8.50
CA ASP A 200 19.80 -9.87 9.42
C ASP A 200 19.98 -8.70 10.39
N LYS A 201 19.52 -8.88 11.63
CA LYS A 201 19.55 -7.79 12.60
CA LYS A 201 19.57 -7.85 12.66
C LYS A 201 20.94 -7.20 12.77
N GLU A 202 21.97 -8.03 12.60
CA GLU A 202 23.34 -7.55 12.74
C GLU A 202 23.74 -6.54 11.66
N GLN A 203 22.99 -6.47 10.56
CA GLN A 203 23.35 -5.55 9.47
C GLN A 203 22.68 -4.17 9.58
N VAL A 204 21.65 -4.07 10.43
CA VAL A 204 20.85 -2.84 10.56
C VAL A 204 21.68 -1.65 11.08
N MET A 205 21.59 -0.51 10.38
CA MET A 205 22.34 0.73 10.69
C MET A 205 23.85 0.63 10.46
N LYS A 206 24.29 -0.47 9.87
CA LYS A 206 25.59 -0.49 9.20
C LYS A 206 25.45 0.25 7.87
N THR A 207 26.58 0.63 7.26
CA THR A 207 26.55 1.16 5.91
C THR A 207 26.96 0.10 4.88
N LEU A 208 26.61 0.32 3.63
CA LEU A 208 27.05 -0.53 2.54
C LEU A 208 28.57 -0.69 2.55
N SER A 209 29.28 0.40 2.85
CA SER A 209 30.75 0.39 2.91
C SER A 209 31.29 -0.47 4.03
N GLU A 210 30.60 -0.51 5.16
CA GLU A 210 31.03 -1.37 6.26
C GLU A 210 30.74 -2.83 5.92
N VAL A 211 29.57 -3.10 5.33
CA VAL A 211 29.21 -4.48 4.98
C VAL A 211 30.07 -4.98 3.80
N TYR A 212 30.35 -4.10 2.84
CA TYR A 212 31.16 -4.43 1.68
C TYR A 212 32.39 -3.52 1.56
N PRO A 213 33.39 -3.76 2.42
CA PRO A 213 34.56 -2.87 2.49
C PRO A 213 35.38 -2.85 1.21
N GLN A 214 35.50 -3.99 0.55
CA GLN A 214 36.36 -4.07 -0.62
C GLN A 214 35.70 -3.46 -1.86
N ASN A 215 34.52 -3.94 -2.18
CA ASN A 215 33.94 -3.67 -3.49
C ASN A 215 32.51 -3.12 -3.38
N THR A 216 32.40 -1.91 -2.83
CA THR A 216 31.12 -1.42 -2.33
C THR A 216 30.09 -1.10 -3.41
N PRO A 217 28.96 -1.82 -3.40
CA PRO A 217 27.87 -1.51 -4.33
C PRO A 217 27.49 -0.03 -4.30
N LYS A 218 27.31 0.56 -5.47
CA LYS A 218 26.86 1.94 -5.58
C LYS A 218 25.35 1.97 -5.76
N ILE A 219 24.68 2.86 -5.05
CA ILE A 219 23.25 3.03 -5.24
C ILE A 219 22.95 3.41 -6.74
N ALA A 220 23.36 4.46 -7.52
N ALA A 220 23.49 4.47 -7.55
CA ALA A 220 23.09 4.67 -8.94
CA ALA A 220 22.97 4.94 -8.83
C ALA A 220 23.78 3.65 -9.85
C ALA A 220 23.28 3.89 -9.89
N THR A 221 23.05 3.12 -10.83
N THR A 221 24.43 3.26 -9.75
CA THR A 221 21.63 3.32 -10.98
CA THR A 221 24.74 2.10 -10.58
C THR A 221 21.07 2.05 -11.56
C THR A 221 23.57 1.15 -10.55
N GLY A 222 21.82 0.97 -11.40
N GLY A 222 23.04 0.74 -11.70
CA GLY A 222 21.49 -0.31 -11.98
CA GLY A 222 21.83 -0.07 -11.69
C GLY A 222 21.81 -1.52 -11.09
C GLY A 222 21.96 -1.40 -10.96
N PHE A 223 22.87 -2.25 -11.43
CA PHE A 223 23.16 -3.54 -10.78
C PHE A 223 24.64 -3.67 -10.40
N SER A 224 24.90 -4.38 -9.30
CA SER A 224 26.26 -4.59 -8.78
C SER A 224 26.45 -6.01 -8.28
N GLU A 225 27.69 -6.47 -8.32
CA GLU A 225 28.04 -7.71 -7.67
C GLU A 225 28.92 -7.40 -6.48
N ALA A 226 28.77 -8.18 -5.42
CA ALA A 226 29.60 -8.03 -4.24
C ALA A 226 29.63 -9.38 -3.52
N GLU A 227 30.52 -9.51 -2.54
CA GLU A 227 30.67 -10.79 -1.87
C GLU A 227 30.23 -10.73 -0.42
N LEU A 228 29.30 -11.62 -0.06
CA LEU A 228 28.73 -11.63 1.28
C LEU A 228 28.68 -13.06 1.79
N HIS A 229 29.31 -13.28 2.95
CA HIS A 229 29.31 -14.58 3.61
C HIS A 229 29.79 -15.69 2.69
N GLY A 230 30.81 -15.42 1.87
CA GLY A 230 31.40 -16.43 1.02
C GLY A 230 30.77 -16.58 -0.36
N HIS A 231 29.71 -15.81 -0.65
CA HIS A 231 29.01 -15.97 -1.92
C HIS A 231 28.82 -14.65 -2.66
N THR A 232 28.95 -14.72 -3.99
CA THR A 232 28.70 -13.57 -4.85
C THR A 232 27.21 -13.25 -4.91
N ARG A 233 26.85 -12.01 -4.61
CA ARG A 233 25.46 -11.60 -4.68
C ARG A 233 25.30 -10.49 -5.70
N ILE A 234 24.10 -10.43 -6.26
CA ILE A 234 23.76 -9.32 -7.11
C ILE A 234 22.90 -8.36 -6.31
N LEU A 235 23.31 -7.10 -6.27
CA LEU A 235 22.53 -6.08 -5.60
C LEU A 235 21.89 -5.15 -6.61
N ALA A 236 20.64 -4.80 -6.37
CA ALA A 236 19.93 -3.85 -7.23
C ALA A 236 19.08 -2.93 -6.38
N PHE A 237 19.16 -1.64 -6.68
CA PHE A 237 18.50 -0.62 -5.90
C PHE A 237 17.39 0.07 -6.70
N THR A 238 16.24 0.21 -6.07
CA THR A 238 15.06 0.84 -6.66
C THR A 238 14.59 1.94 -5.71
N PRO A 239 14.48 3.19 -6.21
CA PRO A 239 13.91 4.26 -5.39
C PRO A 239 12.55 3.89 -4.83
N ILE A 240 12.29 4.24 -3.60
CA ILE A 240 10.94 4.20 -3.08
C ILE A 240 10.30 5.59 -3.20
N LYS A 241 9.29 5.69 -4.04
CA LYS A 241 8.62 6.99 -4.17
C LYS A 241 7.68 7.25 -3.01
N GLY A 242 7.24 8.49 -2.87
CA GLY A 242 6.16 8.78 -1.94
C GLY A 242 6.55 8.76 -0.49
N LEU A 243 7.84 8.87 -0.20
CA LEU A 243 8.29 8.97 1.19
C LEU A 243 8.75 10.41 1.45
N PRO A 244 7.91 11.19 2.11
CA PRO A 244 8.23 12.61 2.28
C PRO A 244 9.49 12.84 3.15
N SER A 245 10.35 13.73 2.68
CA SER A 245 11.53 14.24 3.41
C SER A 245 12.69 13.24 3.42
N VAL A 246 12.48 12.03 2.91
CA VAL A 246 13.61 11.08 2.88
C VAL A 246 13.89 10.50 1.48
N THR A 247 15.11 9.98 1.31
CA THR A 247 15.48 9.35 0.05
C THR A 247 15.92 7.92 0.37
N TRP A 248 14.99 6.98 0.22
CA TRP A 248 15.27 5.58 0.59
C TRP A 248 15.16 4.67 -0.62
N TYR A 249 15.87 3.55 -0.58
CA TYR A 249 15.84 2.60 -1.67
C TYR A 249 15.44 1.24 -1.18
N LEU A 250 14.71 0.52 -2.02
CA LEU A 250 14.51 -0.90 -1.83
C LEU A 250 15.67 -1.66 -2.46
N ALA A 251 16.39 -2.44 -1.67
CA ALA A 251 17.47 -3.24 -2.23
C ALA A 251 17.10 -4.72 -2.33
N LEU A 252 17.34 -5.31 -3.50
CA LEU A 252 17.31 -6.77 -3.66
C LEU A 252 18.72 -7.29 -3.55
N SER A 253 18.91 -8.35 -2.76
CA SER A 253 20.19 -9.02 -2.66
C SER A 253 20.02 -10.50 -3.04
N ILE A 254 20.59 -10.85 -4.18
CA ILE A 254 20.29 -12.11 -4.83
C ILE A 254 21.55 -12.96 -4.95
N ASP A 255 21.47 -14.22 -4.52
CA ASP A 255 22.59 -15.15 -4.69
C ASP A 255 22.86 -15.34 -6.19
N LYS A 256 24.06 -15.02 -6.62
CA LYS A 256 24.32 -14.97 -8.07
C LYS A 256 24.24 -16.34 -8.73
N ASP A 257 24.87 -17.32 -8.10
CA ASP A 257 24.94 -18.65 -8.68
C ASP A 257 23.53 -19.26 -8.73
N LYS A 258 22.79 -19.12 -7.63
CA LYS A 258 21.41 -19.61 -7.56
C LYS A 258 20.52 -18.98 -8.63
N ALA A 259 20.67 -17.67 -8.83
CA ALA A 259 19.86 -16.95 -9.79
C ALA A 259 20.03 -17.48 -11.22
N TYR A 260 21.28 -17.71 -11.63
CA TYR A 260 21.53 -18.18 -12.99
C TYR A 260 21.13 -19.65 -13.20
N ALA A 261 20.95 -20.39 -12.11
CA ALA A 261 20.47 -21.76 -12.19
C ALA A 261 18.99 -21.84 -12.56
N ARG B 27 8.01 -29.09 -23.23
CA ARG B 27 6.85 -28.23 -23.09
C ARG B 27 6.35 -28.11 -21.65
N ASN B 28 6.45 -29.16 -20.85
CA ASN B 28 5.82 -29.20 -19.52
C ASN B 28 6.60 -28.17 -18.85
N ALA B 29 7.93 -28.35 -18.97
CA ALA B 29 8.95 -27.64 -18.25
C ALA B 29 8.89 -26.15 -18.47
N ILE B 30 8.51 -25.74 -19.67
CA ILE B 30 8.28 -24.35 -19.98
C ILE B 30 7.05 -23.87 -19.20
N ARG B 31 6.02 -24.71 -19.12
CA ARG B 31 4.78 -24.28 -18.47
C ARG B 31 4.96 -24.19 -16.95
N GLU B 32 5.76 -25.07 -16.36
CA GLU B 32 6.00 -24.97 -14.92
C GLU B 32 6.86 -23.73 -14.60
N ASP B 33 7.76 -23.36 -15.49
CA ASP B 33 8.54 -22.13 -15.32
C ASP B 33 7.62 -20.91 -15.40
N LEU B 34 6.76 -20.92 -16.41
CA LEU B 34 5.80 -19.85 -16.61
C LEU B 34 4.85 -19.70 -15.43
N GLU B 35 4.35 -20.84 -14.94
CA GLU B 35 3.46 -20.82 -13.78
C GLU B 35 4.18 -20.27 -12.56
N SER B 36 5.46 -20.62 -12.43
CA SER B 36 6.27 -20.17 -11.30
C SER B 36 6.41 -18.65 -11.33
N TYR B 37 6.69 -18.12 -12.52
CA TYR B 37 6.79 -16.68 -12.71
C TYR B 37 5.44 -15.99 -12.43
N LEU B 38 4.35 -16.52 -12.96
CA LEU B 38 3.04 -15.89 -12.78
C LEU B 38 2.59 -15.92 -11.32
N ARG B 39 2.89 -17.02 -10.64
N ARG B 39 2.87 -17.01 -10.62
CA ARG B 39 2.62 -17.18 -9.22
CA ARG B 39 2.51 -17.06 -9.20
C ARG B 39 3.25 -16.05 -8.42
C ARG B 39 3.24 -15.96 -8.44
N GLU B 40 4.52 -15.79 -8.69
CA GLU B 40 5.29 -14.79 -7.98
C GLU B 40 4.81 -13.36 -8.27
N MET B 41 4.56 -13.07 -9.54
CA MET B 41 4.10 -11.75 -9.97
C MET B 41 2.65 -11.50 -9.49
N GLY B 42 1.84 -12.55 -9.45
CA GLY B 42 0.50 -12.46 -8.91
C GLY B 42 0.54 -12.12 -7.43
N ASP B 43 1.39 -12.83 -6.69
CA ASP B 43 1.57 -12.58 -5.26
C ASP B 43 1.92 -11.13 -4.94
N VAL B 44 2.91 -10.60 -5.63
CA VAL B 44 3.42 -9.30 -5.22
C VAL B 44 2.52 -8.19 -5.76
N THR B 45 1.86 -8.45 -6.90
CA THR B 45 0.89 -7.48 -7.43
C THR B 45 -0.33 -7.43 -6.51
N SER B 46 -0.75 -8.60 -6.01
CA SER B 46 -1.85 -8.68 -5.05
C SER B 46 -1.54 -7.92 -3.74
N SER B 47 -0.34 -8.09 -3.18
CA SER B 47 0.05 -7.35 -1.98
C SER B 47 0.02 -5.84 -2.21
N ASN B 48 0.55 -5.42 -3.35
CA ASN B 48 0.61 -4.03 -3.68
C ASN B 48 -0.79 -3.41 -3.72
N ILE B 49 -1.73 -4.07 -4.40
CA ILE B 49 -3.08 -3.54 -4.44
C ILE B 49 -3.74 -3.65 -3.06
N GLN B 50 -3.49 -4.75 -2.34
CA GLN B 50 -3.95 -4.86 -0.95
C GLN B 50 -3.51 -3.65 -0.12
N ASN B 51 -2.25 -3.29 -0.23
CA ASN B 51 -1.73 -2.17 0.56
C ASN B 51 -2.16 -0.79 0.07
N TRP B 52 -2.40 -0.63 -1.21
CA TRP B 52 -2.91 0.63 -1.69
C TRP B 52 -4.32 0.80 -1.18
N LEU B 53 -5.16 -0.20 -1.39
CA LEU B 53 -6.53 -0.15 -0.88
C LEU B 53 -6.55 -0.03 0.64
N GLY B 54 -5.64 -0.74 1.28
CA GLY B 54 -5.54 -0.71 2.75
C GLY B 54 -5.36 0.69 3.35
N GLY B 55 -4.56 1.54 2.72
CA GLY B 55 -4.28 2.83 3.30
C GLY B 55 -5.54 3.67 3.28
N ARG B 56 -6.32 3.46 2.24
CA ARG B 56 -7.64 4.05 2.11
C ARG B 56 -8.71 3.56 3.11
N LEU B 57 -8.81 2.26 3.31
CA LEU B 57 -9.71 1.65 4.30
C LEU B 57 -9.38 2.19 5.70
N LEU B 58 -8.09 2.22 6.03
CA LEU B 58 -7.60 2.74 7.28
C LEU B 58 -8.04 4.19 7.53
N LEU B 59 -7.90 5.00 6.49
CA LEU B 59 -8.23 6.41 6.57
C LEU B 59 -9.73 6.59 6.84
N VAL B 60 -10.54 5.79 6.15
CA VAL B 60 -11.98 5.85 6.32
C VAL B 60 -12.36 5.38 7.73
N GLU B 61 -11.73 4.31 8.18
CA GLU B 61 -12.03 3.80 9.52
C GLU B 61 -11.62 4.81 10.60
N GLN B 62 -10.44 5.42 10.43
CA GLN B 62 -10.01 6.45 11.36
C GLN B 62 -11.01 7.62 11.40
N THR B 63 -11.51 8.00 10.23
CA THR B 63 -12.42 9.13 10.12
C THR B 63 -13.73 8.82 10.83
N ALA B 64 -14.21 7.59 10.63
CA ALA B 64 -15.44 7.17 11.24
C ALA B 64 -15.29 7.12 12.76
N GLN B 65 -14.11 6.71 13.25
CA GLN B 65 -13.94 6.57 14.69
C GLN B 65 -13.91 7.95 15.36
N THR B 66 -13.38 8.94 14.67
CA THR B 66 -13.41 10.33 15.13
C THR B 66 -14.85 10.86 15.16
N LEU B 67 -15.57 10.63 14.08
CA LEU B 67 -16.95 11.07 13.93
C LEU B 67 -17.85 10.49 15.01
N ALA B 68 -17.56 9.27 15.44
CA ALA B 68 -18.38 8.61 16.46
C ALA B 68 -18.38 9.36 17.80
N ARG B 69 -17.29 10.06 18.09
CA ARG B 69 -17.16 10.86 19.31
CA ARG B 69 -17.22 10.85 19.32
C ARG B 69 -17.79 12.24 19.13
N ASP B 70 -17.55 12.83 17.97
CA ASP B 70 -18.03 14.19 17.70
C ASP B 70 -18.51 14.29 16.26
N HIS B 71 -19.82 14.40 16.09
CA HIS B 71 -20.41 14.49 14.77
C HIS B 71 -21.37 15.67 14.70
N SER B 72 -21.10 16.73 15.46
CA SER B 72 -21.78 18.01 15.26
C SER B 72 -21.50 18.51 13.83
N PRO B 73 -22.41 19.33 13.26
CA PRO B 73 -22.26 19.74 11.86
C PRO B 73 -20.96 20.50 11.60
N GLU B 74 -20.50 21.26 12.59
CA GLU B 74 -19.22 21.97 12.50
C GLU B 74 -18.06 21.00 12.36
N THR B 75 -18.03 20.00 13.24
CA THR B 75 -16.96 19.03 13.25
C THR B 75 -16.96 18.20 11.97
N VAL B 76 -18.13 17.75 11.53
CA VAL B 76 -18.22 16.95 10.32
C VAL B 76 -17.63 17.68 9.11
N SER B 77 -18.03 18.94 8.92
CA SER B 77 -17.52 19.74 7.81
C SER B 77 -16.00 19.90 7.87
N ALA B 78 -15.51 20.30 9.04
CA ALA B 78 -14.08 20.47 9.23
C ALA B 78 -13.31 19.15 9.01
N LEU B 79 -13.86 18.03 9.45
CA LEU B 79 -13.12 16.78 9.35
C LEU B 79 -13.02 16.34 7.88
N LEU B 80 -14.13 16.47 7.15
CA LEU B 80 -14.16 16.02 5.75
C LEU B 80 -13.33 16.90 4.84
N GLU B 81 -13.01 18.10 5.30
CA GLU B 81 -12.16 19.06 4.58
C GLU B 81 -10.66 18.88 4.80
N GLN B 82 -10.28 17.96 5.69
CA GLN B 82 -8.86 17.79 5.98
C GLN B 82 -8.11 17.30 4.74
N PRO B 83 -6.92 17.88 4.47
CA PRO B 83 -6.14 17.51 3.28
C PRO B 83 -5.87 16.01 3.15
N ALA B 84 -5.68 15.29 4.26
CA ALA B 84 -5.47 13.83 4.19
C ALA B 84 -6.60 13.15 3.44
N LEU B 85 -7.83 13.59 3.69
CA LEU B 85 -9.00 13.04 2.98
C LEU B 85 -9.14 13.59 1.55
N THR B 86 -9.06 14.90 1.38
CA THR B 86 -9.35 15.47 0.07
C THR B 86 -8.25 15.17 -0.95
N SER B 87 -7.04 14.91 -0.48
N SER B 87 -7.04 14.90 -0.50
CA SER B 87 -5.95 14.56 -1.39
CA SER B 87 -5.99 14.55 -1.46
C SER B 87 -5.91 13.06 -1.65
C SER B 87 -6.00 13.05 -1.73
N THR B 88 -6.75 12.31 -0.95
CA THR B 88 -6.78 10.86 -1.10
C THR B 88 -8.00 10.39 -1.87
N PHE B 89 -9.16 10.93 -1.52
CA PHE B 89 -10.39 10.59 -2.20
C PHE B 89 -10.86 11.77 -3.07
N SER B 90 -11.59 11.46 -4.14
CA SER B 90 -12.20 12.51 -4.95
C SER B 90 -13.28 13.20 -4.13
N PHE B 91 -14.09 12.40 -3.44
CA PHE B 91 -15.05 12.92 -2.46
C PHE B 91 -15.06 12.08 -1.19
N THR B 92 -15.21 12.75 -0.05
CA THR B 92 -15.45 12.06 1.21
C THR B 92 -16.75 12.58 1.80
N TYR B 93 -17.52 11.70 2.40
CA TYR B 93 -18.83 12.12 2.87
C TYR B 93 -19.37 11.32 4.03
N LEU B 94 -20.34 11.92 4.72
CA LEU B 94 -21.08 11.26 5.77
C LEU B 94 -22.55 11.24 5.36
N GLY B 95 -23.11 10.05 5.20
CA GLY B 95 -24.56 9.90 5.10
C GLY B 95 -25.11 9.48 6.46
N GLN B 96 -26.10 10.19 6.98
CA GLN B 96 -26.58 9.89 8.31
C GLN B 96 -27.84 9.06 8.31
N GLN B 97 -28.07 8.39 9.43
CA GLN B 97 -29.24 7.52 9.58
C GLN B 97 -30.57 8.30 9.34
N ASP B 98 -30.59 9.61 9.61
CA ASP B 98 -31.81 10.37 9.27
C ASP B 98 -31.83 10.87 7.80
N GLY B 99 -30.88 10.42 6.98
CA GLY B 99 -30.86 10.80 5.58
C GLY B 99 -29.99 12.00 5.23
N VAL B 100 -29.57 12.75 6.24
CA VAL B 100 -28.78 13.95 6.01
C VAL B 100 -27.44 13.58 5.40
N PHE B 101 -27.01 14.35 4.41
CA PHE B 101 -25.79 14.05 3.66
C PHE B 101 -24.84 15.25 3.69
N THR B 102 -23.57 14.98 4.01
CA THR B 102 -22.55 16.02 4.06
C THR B 102 -21.38 15.51 3.26
N MET B 103 -20.78 16.35 2.41
CA MET B 103 -19.71 15.91 1.50
CA MET B 103 -19.72 15.91 1.51
C MET B 103 -18.66 16.99 1.23
N ARG B 104 -17.39 16.58 1.10
CA ARG B 104 -16.31 17.47 0.67
C ARG B 104 -15.43 16.78 -0.35
N PRO B 105 -14.95 17.52 -1.38
CA PRO B 105 -15.37 18.91 -1.65
C PRO B 105 -16.78 18.99 -2.25
N ASP B 106 -17.14 20.17 -2.74
CA ASP B 106 -18.49 20.42 -3.29
C ASP B 106 -18.70 19.78 -4.62
N SER B 107 -19.94 19.40 -4.88
CA SER B 107 -20.35 18.91 -6.17
C SER B 107 -21.81 19.25 -6.39
N PRO B 108 -22.19 19.47 -7.63
CA PRO B 108 -23.60 19.45 -8.04
C PRO B 108 -24.21 18.13 -7.60
N MET B 109 -25.44 18.14 -7.09
CA MET B 109 -26.06 16.90 -6.65
C MET B 109 -27.39 16.74 -7.36
N PRO B 110 -27.78 15.48 -7.64
CA PRO B 110 -29.07 15.16 -8.27
C PRO B 110 -30.25 15.34 -7.31
N ALA B 111 -31.44 15.63 -7.83
CA ALA B 111 -32.68 15.59 -7.03
C ALA B 111 -32.99 14.20 -6.48
N GLY B 112 -33.65 14.14 -5.33
CA GLY B 112 -34.08 12.86 -4.78
C GLY B 112 -32.98 12.04 -4.13
N TYR B 113 -31.79 12.61 -3.98
CA TYR B 113 -30.66 11.85 -3.43
C TYR B 113 -30.89 11.44 -1.99
N ASP B 114 -30.69 10.16 -1.69
CA ASP B 114 -30.78 9.65 -0.32
C ASP B 114 -29.59 8.73 -0.11
N PRO B 115 -28.63 9.14 0.73
CA PRO B 115 -27.43 8.33 0.97
C PRO B 115 -27.76 6.92 1.44
N ARG B 116 -28.88 6.74 2.15
CA ARG B 116 -29.23 5.45 2.76
C ARG B 116 -29.62 4.40 1.71
N SER B 117 -29.91 4.84 0.49
CA SER B 117 -30.27 3.91 -0.56
C SER B 117 -29.08 3.56 -1.44
N ARG B 118 -27.91 4.10 -1.12
CA ARG B 118 -26.74 3.95 -1.99
C ARG B 118 -25.97 2.68 -1.64
N PRO B 119 -25.24 2.11 -2.63
CA PRO B 119 -24.53 0.84 -2.45
C PRO B 119 -23.51 0.90 -1.33
N TRP B 120 -22.82 2.02 -1.20
CA TRP B 120 -21.82 2.17 -0.14
C TRP B 120 -22.45 2.19 1.25
N TYR B 121 -23.61 2.80 1.36
CA TYR B 121 -24.31 2.85 2.64
C TYR B 121 -24.78 1.45 3.02
N LYS B 122 -25.46 0.80 2.08
CA LYS B 122 -26.01 -0.53 2.33
C LYS B 122 -24.92 -1.59 2.52
N ASP B 123 -23.83 -1.50 1.77
CA ASP B 123 -22.73 -2.47 1.91
C ASP B 123 -22.09 -2.34 3.29
N ALA B 124 -21.86 -1.11 3.71
CA ALA B 124 -21.24 -0.86 5.00
C ALA B 124 -22.11 -1.39 6.14
N VAL B 125 -23.42 -1.14 6.08
CA VAL B 125 -24.33 -1.56 7.14
C VAL B 125 -24.47 -3.07 7.15
N ALA B 126 -24.53 -3.68 5.95
CA ALA B 126 -24.62 -5.14 5.87
C ALA B 126 -23.32 -5.76 6.39
N ALA B 127 -22.18 -5.13 6.10
CA ALA B 127 -20.89 -5.68 6.54
C ALA B 127 -20.70 -5.57 8.06
N GLY B 128 -21.32 -4.57 8.68
CA GLY B 128 -21.08 -4.30 10.09
C GLY B 128 -19.75 -3.59 10.34
N GLY B 129 -19.17 -3.05 9.28
CA GLY B 129 -17.87 -2.42 9.39
C GLY B 129 -17.35 -2.08 8.02
N LEU B 130 -16.03 -2.02 7.91
CA LEU B 130 -15.36 -1.68 6.64
C LEU B 130 -15.83 -2.51 5.47
N THR B 131 -15.90 -1.86 4.32
CA THR B 131 -16.30 -2.52 3.10
C THR B 131 -15.71 -1.75 1.92
N LEU B 132 -15.63 -2.42 0.78
CA LEU B 132 -15.39 -1.81 -0.51
C LEU B 132 -16.54 -2.20 -1.40
N THR B 133 -17.13 -1.25 -2.11
CA THR B 133 -18.22 -1.56 -3.02
C THR B 133 -17.64 -2.12 -4.31
N GLU B 134 -18.44 -2.89 -5.05
CA GLU B 134 -18.13 -3.10 -6.45
C GLU B 134 -18.36 -1.77 -7.16
N PRO B 135 -17.82 -1.61 -8.39
CA PRO B 135 -18.13 -0.39 -9.14
C PRO B 135 -19.63 -0.16 -9.25
N TYR B 136 -20.08 1.07 -8.98
CA TYR B 136 -21.47 1.46 -9.18
C TYR B 136 -21.51 2.82 -9.87
N VAL B 137 -22.65 3.16 -10.46
CA VAL B 137 -22.81 4.43 -11.14
C VAL B 137 -22.91 5.57 -10.14
N ASP B 138 -21.90 6.42 -10.15
CA ASP B 138 -21.85 7.58 -9.25
C ASP B 138 -23.03 8.50 -9.48
N ALA B 139 -23.66 8.95 -8.40
CA ALA B 139 -24.92 9.71 -8.51
C ALA B 139 -24.75 11.09 -9.18
N ALA B 140 -23.55 11.65 -9.11
CA ALA B 140 -23.31 12.99 -9.66
C ALA B 140 -22.73 12.97 -11.07
N THR B 141 -21.86 12.00 -11.37
CA THR B 141 -21.17 11.95 -12.66
C THR B 141 -21.78 10.94 -13.61
N GLN B 142 -22.58 10.04 -13.05
CA GLN B 142 -23.07 8.86 -13.75
C GLN B 142 -21.94 8.02 -14.36
N GLU B 143 -20.75 8.10 -13.76
CA GLU B 143 -19.59 7.27 -14.09
CA GLU B 143 -19.69 7.19 -14.16
C GLU B 143 -19.40 6.19 -13.04
N LEU B 144 -18.74 5.10 -13.41
CA LEU B 144 -18.44 4.04 -12.45
C LEU B 144 -17.43 4.52 -11.42
N ILE B 145 -17.70 4.23 -10.15
N ILE B 145 -17.70 4.16 -10.17
CA ILE B 145 -16.70 4.47 -9.12
CA ILE B 145 -16.84 4.52 -9.05
C ILE B 145 -16.74 3.34 -8.11
C ILE B 145 -16.79 3.37 -8.06
N ILE B 146 -15.71 3.30 -7.27
CA ILE B 146 -15.64 2.36 -6.17
C ILE B 146 -15.56 3.18 -4.90
N THR B 147 -16.21 2.71 -3.85
CA THR B 147 -16.21 3.44 -2.59
C THR B 147 -15.75 2.57 -1.42
N ALA B 148 -14.86 3.10 -0.62
CA ALA B 148 -14.53 2.52 0.67
C ALA B 148 -15.43 3.15 1.74
N ALA B 149 -16.10 2.32 2.56
CA ALA B 149 -17.07 2.86 3.52
C ALA B 149 -17.09 2.07 4.81
N THR B 150 -17.62 2.70 5.86
CA THR B 150 -17.79 2.03 7.13
C THR B 150 -18.84 2.74 7.98
N PRO B 151 -19.60 1.99 8.80
CA PRO B 151 -20.58 2.66 9.64
C PRO B 151 -19.90 3.51 10.70
N VAL B 152 -20.58 4.57 11.12
CA VAL B 152 -20.16 5.29 12.31
C VAL B 152 -20.94 4.72 13.48
N LYS B 153 -20.25 4.15 14.46
N LYS B 153 -20.20 4.19 14.45
CA LYS B 153 -20.95 3.47 15.54
CA LYS B 153 -20.75 3.47 15.61
C LYS B 153 -20.68 4.10 16.90
C LYS B 153 -20.61 4.28 16.89
N ALA B 154 -21.72 4.61 17.53
CA ALA B 154 -21.61 5.22 18.87
C ALA B 154 -22.55 4.53 19.83
N ALA B 155 -21.96 3.85 20.83
CA ALA B 155 -22.72 3.12 21.85
C ALA B 155 -23.64 2.07 21.23
N GLY B 156 -23.09 1.29 20.30
CA GLY B 156 -23.83 0.21 19.67
C GLY B 156 -24.80 0.66 18.59
N ASN B 157 -25.03 1.96 18.50
CA ASN B 157 -25.96 2.49 17.52
C ASN B 157 -25.25 3.01 16.26
N THR B 158 -25.90 2.81 15.12
CA THR B 158 -25.36 3.24 13.83
C THR B 158 -25.85 4.64 13.52
N LEU B 159 -24.92 5.60 13.55
CA LEU B 159 -25.26 6.99 13.34
C LEU B 159 -25.35 7.31 11.85
N GLY B 160 -24.64 6.50 11.07
CA GLY B 160 -24.51 6.75 9.63
C GLY B 160 -23.36 5.97 9.07
N VAL B 161 -22.96 6.34 7.87
CA VAL B 161 -21.86 5.72 7.16
C VAL B 161 -20.93 6.77 6.54
N VAL B 162 -19.63 6.60 6.73
CA VAL B 162 -18.62 7.42 6.04
C VAL B 162 -18.16 6.73 4.76
N GLY B 163 -18.06 7.48 3.67
CA GLY B 163 -17.57 6.89 2.43
C GLY B 163 -16.46 7.74 1.83
N GLY B 164 -15.56 7.10 1.09
CA GLY B 164 -14.53 7.76 0.31
C GLY B 164 -14.47 7.12 -1.07
N ASP B 165 -14.55 7.95 -2.11
CA ASP B 165 -14.66 7.47 -3.47
C ASP B 165 -13.30 7.28 -4.12
N LEU B 166 -13.15 6.21 -4.90
CA LEU B 166 -11.90 5.83 -5.53
C LEU B 166 -12.11 5.64 -7.03
N SER B 167 -11.09 5.95 -7.81
CA SER B 167 -11.17 5.92 -9.26
C SER B 167 -10.85 4.54 -9.80
N LEU B 168 -11.72 3.99 -10.66
CA LEU B 168 -11.42 2.74 -11.37
C LEU B 168 -10.14 2.86 -12.20
N LYS B 169 -10.00 3.99 -12.88
CA LYS B 169 -8.82 4.26 -13.69
C LYS B 169 -7.55 4.13 -12.85
N THR B 170 -7.56 4.69 -11.65
CA THR B 170 -6.37 4.64 -10.81
C THR B 170 -6.06 3.20 -10.36
N LEU B 171 -7.09 2.44 -9.99
CA LEU B 171 -6.90 1.05 -9.62
C LEU B 171 -6.30 0.26 -10.78
N VAL B 172 -6.82 0.47 -11.98
CA VAL B 172 -6.27 -0.18 -13.17
C VAL B 172 -4.77 0.10 -13.30
N GLN B 173 -4.35 1.33 -13.02
CA GLN B 173 -2.92 1.71 -13.13
C GLN B 173 -2.07 1.02 -12.07
N ILE B 174 -2.55 1.02 -10.83
CA ILE B 174 -1.84 0.33 -9.75
C ILE B 174 -1.52 -1.14 -10.11
N ILE B 175 -2.52 -1.93 -10.51
CA ILE B 175 -2.27 -3.34 -10.78
C ILE B 175 -1.61 -3.57 -12.14
N ASN B 176 -1.46 -2.51 -12.94
CA ASN B 176 -0.79 -2.65 -14.23
C ASN B 176 0.49 -1.80 -14.34
N SER B 177 1.16 -1.58 -13.22
CA SER B 177 2.48 -0.94 -13.22
C SER B 177 3.51 -1.79 -14.00
N LEU B 178 3.36 -3.11 -13.95
CA LEU B 178 4.21 -3.99 -14.74
C LEU B 178 3.59 -4.38 -16.08
N ASP B 179 4.44 -4.52 -17.11
N ASP B 179 4.44 -4.53 -17.10
CA ASP B 179 3.99 -4.99 -18.42
CA ASP B 179 4.02 -4.99 -18.41
C ASP B 179 4.10 -6.51 -18.50
C ASP B 179 4.06 -6.52 -18.48
N PHE B 180 4.65 -7.12 -17.46
CA PHE B 180 4.86 -8.58 -17.38
C PHE B 180 5.66 -9.12 -18.56
N SER B 181 6.68 -8.36 -18.94
CA SER B 181 7.51 -8.62 -20.13
C SER B 181 6.72 -8.57 -21.44
N GLY B 182 5.64 -7.79 -21.47
CA GLY B 182 4.82 -7.68 -22.67
C GLY B 182 3.84 -8.83 -22.89
N MET B 183 3.81 -9.77 -21.95
N MET B 183 3.75 -9.75 -21.95
CA MET B 183 3.00 -10.98 -22.06
CA MET B 183 2.95 -10.94 -22.15
C MET B 183 1.50 -10.68 -21.91
C MET B 183 1.48 -10.72 -21.84
N GLY B 184 1.17 -9.63 -21.16
CA GLY B 184 -0.22 -9.29 -20.89
C GLY B 184 -0.45 -8.27 -19.81
N TYR B 185 -1.57 -8.41 -19.10
CA TYR B 185 -2.06 -7.35 -18.24
C TYR B 185 -2.78 -7.95 -17.05
N ALA B 186 -3.25 -7.08 -16.16
CA ALA B 186 -3.97 -7.52 -14.98
C ALA B 186 -5.35 -6.88 -14.91
N PHE B 187 -6.27 -7.59 -14.27
CA PHE B 187 -7.56 -7.00 -13.89
C PHE B 187 -8.04 -7.54 -12.55
N LEU B 188 -9.14 -7.01 -12.05
CA LEU B 188 -9.74 -7.42 -10.78
C LEU B 188 -11.08 -8.11 -11.02
N VAL B 189 -11.26 -9.26 -10.37
N VAL B 189 -11.24 -9.26 -10.36
CA VAL B 189 -12.50 -10.03 -10.42
CA VAL B 189 -12.47 -10.05 -10.41
C VAL B 189 -12.95 -10.43 -9.05
C VAL B 189 -12.95 -10.37 -9.02
N SER B 190 -14.27 -10.43 -8.83
CA SER B 190 -14.84 -10.95 -7.60
C SER B 190 -14.79 -12.48 -7.63
N GLY B 191 -14.85 -13.09 -6.45
CA GLY B 191 -14.95 -14.54 -6.33
C GLY B 191 -16.10 -15.11 -7.17
N ASP B 192 -17.11 -14.30 -7.42
CA ASP B 192 -18.28 -14.74 -8.17
C ASP B 192 -18.08 -14.58 -9.67
N GLY B 193 -16.95 -14.02 -10.07
CA GLY B 193 -16.61 -13.96 -11.48
C GLY B 193 -16.97 -12.66 -12.17
N LYS B 194 -17.35 -11.65 -11.40
CA LYS B 194 -17.68 -10.35 -11.95
CA LYS B 194 -17.66 -10.37 -12.01
C LYS B 194 -16.39 -9.52 -12.13
N ILE B 195 -16.11 -9.09 -13.35
CA ILE B 195 -14.93 -8.28 -13.63
C ILE B 195 -15.12 -6.85 -13.10
N LEU B 196 -14.26 -6.43 -12.19
CA LEU B 196 -14.48 -5.19 -11.46
C LEU B 196 -13.75 -4.01 -12.10
N VAL B 197 -12.47 -4.19 -12.39
CA VAL B 197 -11.72 -3.17 -13.12
C VAL B 197 -10.88 -3.91 -14.16
N HIS B 198 -10.68 -3.28 -15.31
CA HIS B 198 -10.02 -3.92 -16.43
C HIS B 198 -9.49 -2.83 -17.35
N PRO B 199 -8.30 -3.04 -17.94
CA PRO B 199 -7.75 -2.12 -18.94
C PRO B 199 -8.74 -1.81 -20.06
N ASP B 200 -9.46 -2.84 -20.48
CA ASP B 200 -10.51 -2.70 -21.49
C ASP B 200 -11.83 -2.33 -20.82
N LYS B 201 -12.19 -1.06 -20.95
N LYS B 201 -12.23 -1.07 -20.92
CA LYS B 201 -13.42 -0.50 -20.39
CA LYS B 201 -13.45 -0.60 -20.25
C LYS B 201 -14.64 -1.36 -20.73
C LYS B 201 -14.70 -1.33 -20.74
N GLU B 202 -14.61 -1.97 -21.90
CA GLU B 202 -15.77 -2.74 -22.38
CA GLU B 202 -15.88 -2.63 -22.22
C GLU B 202 -16.02 -3.98 -21.53
N GLN B 203 -14.97 -4.46 -20.86
CA GLN B 203 -15.09 -5.70 -20.10
C GLN B 203 -15.54 -5.49 -18.65
N VAL B 204 -15.60 -4.24 -18.20
CA VAL B 204 -15.94 -3.97 -16.80
C VAL B 204 -17.40 -4.32 -16.47
N MET B 205 -17.59 -5.02 -15.35
CA MET B 205 -18.88 -5.51 -14.86
C MET B 205 -19.51 -6.58 -15.77
N LYS B 206 -18.72 -7.09 -16.71
CA LYS B 206 -19.04 -8.38 -17.34
C LYS B 206 -18.57 -9.51 -16.42
N THR B 207 -19.15 -10.69 -16.60
N THR B 207 -19.15 -10.69 -16.59
CA THR B 207 -18.77 -11.86 -15.82
CA THR B 207 -18.72 -11.86 -15.83
C THR B 207 -17.81 -12.72 -16.65
C THR B 207 -17.76 -12.68 -16.67
N LEU B 208 -16.98 -13.54 -16.00
CA LEU B 208 -16.05 -14.43 -16.70
C LEU B 208 -16.80 -15.33 -17.69
N SER B 209 -18.00 -15.77 -17.32
CA SER B 209 -18.81 -16.60 -18.20
C SER B 209 -19.26 -15.85 -19.45
N GLU B 210 -19.50 -14.55 -19.31
CA GLU B 210 -19.92 -13.74 -20.45
C GLU B 210 -18.75 -13.52 -21.40
N VAL B 211 -17.58 -13.32 -20.82
CA VAL B 211 -16.38 -13.11 -21.61
C VAL B 211 -15.91 -14.42 -22.24
N TYR B 212 -15.96 -15.50 -21.45
CA TYR B 212 -15.51 -16.80 -21.91
C TYR B 212 -16.62 -17.83 -21.88
N PRO B 213 -17.59 -17.72 -22.80
CA PRO B 213 -18.74 -18.62 -22.79
C PRO B 213 -18.36 -20.12 -22.82
N GLN B 214 -17.21 -20.49 -23.39
CA GLN B 214 -16.74 -21.87 -23.24
C GLN B 214 -15.37 -21.95 -22.57
N ASN B 215 -15.11 -23.07 -21.90
CA ASN B 215 -14.04 -23.24 -20.90
C ASN B 215 -13.79 -21.97 -20.15
N THR B 216 -14.83 -21.54 -19.45
CA THR B 216 -14.73 -20.42 -18.57
C THR B 216 -13.64 -20.76 -17.55
N PRO B 217 -12.64 -19.88 -17.43
CA PRO B 217 -11.59 -20.00 -16.42
C PRO B 217 -12.19 -20.14 -15.01
N LYS B 218 -11.59 -21.00 -14.18
CA LYS B 218 -12.07 -21.23 -12.83
C LYS B 218 -11.15 -20.53 -11.87
N ILE B 219 -11.69 -19.64 -11.06
CA ILE B 219 -10.88 -18.84 -10.16
C ILE B 219 -10.11 -19.72 -9.17
N ALA B 220 -10.80 -20.65 -8.52
CA ALA B 220 -10.15 -21.55 -7.56
C ALA B 220 -9.05 -22.45 -8.18
N THR B 221 -9.11 -22.68 -9.49
CA THR B 221 -8.06 -23.41 -10.21
C THR B 221 -6.82 -22.53 -10.31
N GLY B 222 -5.64 -23.12 -10.15
CA GLY B 222 -4.41 -22.35 -10.23
C GLY B 222 -4.30 -21.53 -11.51
N PHE B 223 -4.30 -22.24 -12.64
CA PHE B 223 -4.10 -21.63 -13.95
C PHE B 223 -5.16 -22.14 -14.92
N SER B 224 -5.56 -21.31 -15.89
CA SER B 224 -6.55 -21.71 -16.89
C SER B 224 -6.17 -21.18 -18.26
N GLU B 225 -6.57 -21.90 -19.31
CA GLU B 225 -6.46 -21.42 -20.69
C GLU B 225 -7.82 -21.17 -21.31
N ALA B 226 -7.96 -20.06 -22.03
CA ALA B 226 -9.22 -19.72 -22.70
C ALA B 226 -8.99 -18.85 -23.93
N GLU B 227 -10.01 -18.70 -24.77
CA GLU B 227 -9.89 -17.89 -25.99
C GLU B 227 -10.47 -16.49 -25.83
N LEU B 228 -9.66 -15.47 -26.10
CA LEU B 228 -10.14 -14.09 -26.11
C LEU B 228 -9.70 -13.35 -27.37
N HIS B 229 -10.69 -12.92 -28.16
CA HIS B 229 -10.49 -12.24 -29.44
C HIS B 229 -9.69 -13.12 -30.39
N GLY B 230 -9.89 -14.43 -30.28
CA GLY B 230 -9.26 -15.37 -31.20
C GLY B 230 -7.86 -15.83 -30.80
N HIS B 231 -7.39 -15.37 -29.65
CA HIS B 231 -6.07 -15.76 -29.14
C HIS B 231 -6.19 -16.48 -27.80
N THR B 232 -5.35 -17.49 -27.64
CA THR B 232 -5.33 -18.25 -26.40
C THR B 232 -4.64 -17.45 -25.31
N ARG B 233 -5.34 -17.27 -24.19
CA ARG B 233 -4.76 -16.59 -23.06
C ARG B 233 -4.64 -17.55 -21.89
N ILE B 234 -3.62 -17.33 -21.06
CA ILE B 234 -3.50 -18.01 -19.78
C ILE B 234 -3.97 -17.07 -18.66
N LEU B 235 -4.92 -17.52 -17.85
CA LEU B 235 -5.42 -16.71 -16.73
C LEU B 235 -4.96 -17.29 -15.41
N ALA B 236 -4.40 -16.43 -14.54
CA ALA B 236 -3.96 -16.85 -13.21
C ALA B 236 -4.55 -15.94 -12.14
N PHE B 237 -5.14 -16.53 -11.10
CA PHE B 237 -5.85 -15.76 -10.08
C PHE B 237 -5.18 -15.83 -8.71
N THR B 238 -5.09 -14.69 -8.05
CA THR B 238 -4.54 -14.59 -6.71
C THR B 238 -5.48 -13.83 -5.79
N PRO B 239 -5.80 -14.40 -4.61
CA PRO B 239 -6.68 -13.69 -3.69
C PRO B 239 -6.05 -12.37 -3.24
N ILE B 240 -6.87 -11.36 -3.00
CA ILE B 240 -6.38 -10.13 -2.42
C ILE B 240 -6.80 -10.15 -0.97
N LYS B 241 -5.80 -10.22 -0.10
CA LYS B 241 -6.05 -10.28 1.34
C LYS B 241 -6.37 -8.89 1.88
N GLY B 242 -6.97 -8.85 3.06
CA GLY B 242 -7.14 -7.62 3.79
C GLY B 242 -8.22 -6.70 3.27
N LEU B 243 -9.18 -7.26 2.55
CA LEU B 243 -10.33 -6.47 2.09
C LEU B 243 -11.59 -6.96 2.80
N PRO B 244 -11.99 -6.31 3.90
CA PRO B 244 -13.14 -6.79 4.67
C PRO B 244 -14.43 -6.80 3.86
N SER B 245 -15.18 -7.91 3.93
CA SER B 245 -16.54 -8.06 3.39
C SER B 245 -16.60 -8.38 1.92
N VAL B 246 -15.45 -8.48 1.24
CA VAL B 246 -15.49 -8.86 -0.18
C VAL B 246 -14.48 -9.95 -0.48
N THR B 247 -14.70 -10.67 -1.58
CA THR B 247 -13.73 -11.66 -2.05
C THR B 247 -13.27 -11.26 -3.44
N TRP B 248 -12.10 -10.63 -3.53
CA TRP B 248 -11.62 -10.10 -4.82
C TRP B 248 -10.34 -10.79 -5.17
N TYR B 249 -10.13 -11.02 -6.46
CA TYR B 249 -8.91 -11.66 -6.94
C TYR B 249 -8.21 -10.75 -7.90
N LEU B 250 -6.89 -10.83 -7.85
CA LEU B 250 -6.08 -10.26 -8.90
C LEU B 250 -5.97 -11.29 -10.00
N ALA B 251 -6.35 -10.91 -11.21
CA ALA B 251 -6.20 -11.81 -12.33
C ALA B 251 -5.09 -11.35 -13.26
N LEU B 252 -4.18 -12.26 -13.60
CA LEU B 252 -3.24 -12.00 -14.70
C LEU B 252 -3.75 -12.66 -15.96
N SER B 253 -3.76 -11.91 -17.06
CA SER B 253 -4.23 -12.44 -18.34
C SER B 253 -3.13 -12.35 -19.39
N ILE B 254 -2.60 -13.51 -19.75
CA ILE B 254 -1.35 -13.59 -20.51
C ILE B 254 -1.59 -14.19 -21.90
N ASP B 255 -1.00 -13.58 -22.93
CA ASP B 255 -1.02 -14.16 -24.27
C ASP B 255 -0.18 -15.43 -24.29
N LYS B 256 -0.82 -16.58 -24.40
CA LYS B 256 -0.10 -17.85 -24.32
C LYS B 256 0.95 -18.01 -25.41
N ASP B 257 0.58 -17.65 -26.64
CA ASP B 257 1.53 -17.84 -27.75
C ASP B 257 2.76 -16.95 -27.55
N LYS B 258 2.55 -15.71 -27.12
CA LYS B 258 3.65 -14.79 -26.85
C LYS B 258 4.52 -15.25 -25.67
N ALA B 259 3.88 -15.68 -24.58
CA ALA B 259 4.61 -16.15 -23.41
C ALA B 259 5.52 -17.32 -23.75
N TYR B 260 5.03 -18.25 -24.56
CA TYR B 260 5.82 -19.42 -24.87
C TYR B 260 6.91 -19.06 -25.87
N ALA B 261 6.62 -18.13 -26.78
CA ALA B 261 7.65 -17.75 -27.75
C ALA B 261 8.88 -17.19 -27.03
N MET B 262 8.66 -16.36 -26.02
N MET B 262 8.64 -16.41 -25.98
CA MET B 262 9.76 -15.83 -25.23
CA MET B 262 9.71 -15.78 -25.21
C MET B 262 10.51 -16.95 -24.51
C MET B 262 10.17 -16.64 -24.03
N LEU B 263 9.77 -17.91 -24.00
CA LEU B 263 10.34 -18.88 -23.05
C LEU B 263 11.04 -20.04 -23.75
N SER B 264 10.72 -20.28 -25.03
CA SER B 264 11.40 -21.34 -25.78
C SER B 264 12.84 -20.96 -26.07
N LYS B 265 13.13 -19.67 -25.99
CA LYS B 265 14.48 -19.16 -26.19
C LYS B 265 15.40 -19.56 -25.04
#